data_2N6W
#
_entry.id   2N6W
#
_entity_poly.entity_id   1
_entity_poly.type   'polyribonucleotide'
_entity_poly.pdbx_seq_one_letter_code
;GGAAUUUAUGAGUACGUAGAGUAUAAUUAGUCUUCGGACUUCCUUAUACUUAUAUACUUAUAGAUUCC
;
_entity_poly.pdbx_strand_id   A
#
loop_
_chem_comp.id
_chem_comp.type
_chem_comp.name
_chem_comp.formula
A RNA linking ADENOSINE-5'-MONOPHOSPHATE 'C10 H14 N5 O7 P'
C RNA linking CYTIDINE-5'-MONOPHOSPHATE 'C9 H14 N3 O8 P'
G RNA linking GUANOSINE-5'-MONOPHOSPHATE 'C10 H14 N5 O8 P'
U RNA linking URIDINE-5'-MONOPHOSPHATE 'C9 H13 N2 O9 P'
#